data_4Y1R
#
_entry.id   4Y1R
#
_cell.length_a   81.429
_cell.length_b   94.715
_cell.length_c   42.418
_cell.angle_alpha   90.00
_cell.angle_beta   90.00
_cell.angle_gamma   90.00
#
_symmetry.space_group_name_H-M   'P 21 21 2'
#
loop_
_entity.id
_entity.type
_entity.pdbx_description
1 polymer 'Uncharacterized protein SAV1875'
2 polymer 'Uncharacterized protein SAV1875'
3 water water
#
loop_
_entity_poly.entity_id
_entity_poly.type
_entity_poly.pdbx_seq_one_letter_code
_entity_poly.pdbx_strand_id
1 'polypeptide(L)'
;MTKKVAIILANEFEDIEYSSPKEALENAGFNTVVIGDTANSEVVGKHGEKVTVDVGIAEAKPEDYDALLIPGGFSPDHLR
GDTEGRYGTFAKYFTKNDVPTFAI(OCS)HGPQILIDTDDLKGRTLTAVLNVRKDLSNAGAHVVDESVVVDNNIVTSRVP
DDLDDFNREIVKQLQLEHHHHHH
;
A
2 'polypeptide(L)'
;MTKKVAIILANEFEDIEYSSPKEALENAGFNTVVIGDTANSEVVGKHGEKVTVDVGIAEAKPEDYDALLIPGGFSPDHLR
GDTEGRYGTFAKYFTKNDVPTFAI(CSD)HGPQILIDTDDLKGRTLTAVLNVRKDLSNAGAHVVDESVVVDNNIVTSRVP
DDLDDFNREIVKQLQLEHHHHHH
;
B
#
# COMPACT_ATOMS: atom_id res chain seq x y z
N THR A 2 -33.97 -2.56 9.81
CA THR A 2 -32.78 -1.79 10.27
C THR A 2 -31.58 -2.06 9.34
N LYS A 3 -30.75 -1.03 9.15
CA LYS A 3 -29.59 -1.13 8.22
C LYS A 3 -28.28 -1.29 8.94
N LYS A 4 -27.41 -2.14 8.38
CA LYS A 4 -26.14 -2.38 9.02
C LYS A 4 -24.99 -2.40 8.03
N VAL A 5 -23.84 -1.99 8.53
CA VAL A 5 -22.68 -1.75 7.66
C VAL A 5 -21.60 -2.76 8.02
N ALA A 6 -21.01 -3.39 6.99
CA ALA A 6 -19.85 -4.25 7.20
C ALA A 6 -18.63 -3.36 7.18
N ILE A 7 -17.76 -3.54 8.17
CA ILE A 7 -16.48 -2.83 8.20
C ILE A 7 -15.42 -3.89 8.04
N ILE A 8 -14.68 -3.89 6.93
CA ILE A 8 -13.57 -4.85 6.82
C ILE A 8 -12.26 -4.32 7.44
N LEU A 9 -11.63 -5.14 8.29
CA LEU A 9 -10.59 -4.59 9.17
C LEU A 9 -9.50 -5.62 9.48
N ALA A 10 -8.26 -5.20 9.24
CA ALA A 10 -7.07 -5.93 9.66
C ALA A 10 -6.29 -5.08 10.67
N ASN A 11 -5.16 -5.61 11.15
CA ASN A 11 -4.29 -4.80 12.00
C ASN A 11 -3.78 -3.56 11.30
N GLU A 12 -3.45 -2.57 12.12
CA GLU A 12 -2.79 -1.33 11.69
C GLU A 12 -3.72 -0.49 10.83
N PHE A 13 -5.02 -0.62 11.05
CA PHE A 13 -5.92 0.43 10.59
C PHE A 13 -5.63 1.77 11.26
N GLU A 14 -5.95 2.85 10.56
CA GLU A 14 -5.85 4.16 11.16
C GLU A 14 -7.03 4.34 12.12
N ASP A 15 -6.73 4.39 13.42
CA ASP A 15 -7.76 4.24 14.47
C ASP A 15 -8.98 5.13 14.24
N ILE A 16 -8.75 6.43 14.00
CA ILE A 16 -9.86 7.38 13.87
C ILE A 16 -10.73 7.12 12.63
N GLU A 17 -10.16 6.46 11.62
CA GLU A 17 -10.94 6.13 10.42
C GLU A 17 -11.83 4.91 10.62
N TYR A 18 -11.61 4.18 11.72
CA TYR A 18 -12.59 3.21 12.16
C TYR A 18 -13.61 3.89 13.07
N SER A 19 -13.12 4.57 14.09
CA SER A 19 -14.01 4.96 15.20
C SER A 19 -14.95 6.07 14.80
N SER A 20 -14.45 7.04 14.03
CA SER A 20 -15.25 8.20 13.68
C SER A 20 -16.43 7.89 12.74
N PRO A 21 -16.20 7.11 11.66
CA PRO A 21 -17.31 6.72 10.82
C PRO A 21 -18.26 5.78 11.53
N LYS A 22 -17.70 4.90 12.36
CA LYS A 22 -18.54 4.04 13.16
C LYS A 22 -19.49 4.84 14.03
N GLU A 23 -18.99 5.88 14.69
CA GLU A 23 -19.81 6.71 15.58
CA GLU A 23 -19.85 6.64 15.56
C GLU A 23 -20.84 7.51 14.78
N ALA A 24 -20.43 7.97 13.59
CA ALA A 24 -21.35 8.75 12.78
C ALA A 24 -22.53 7.85 12.33
N LEU A 25 -22.20 6.64 11.87
CA LEU A 25 -23.21 5.70 11.42
C LEU A 25 -24.17 5.31 12.55
N GLU A 26 -23.60 5.00 13.72
CA GLU A 26 -24.41 4.64 14.88
C GLU A 26 -25.28 5.79 15.36
N ASN A 27 -24.74 7.01 15.32
CA ASN A 27 -25.54 8.20 15.68
C ASN A 27 -26.73 8.41 14.76
N ALA A 28 -26.63 7.94 13.52
CA ALA A 28 -27.73 8.10 12.59
C ALA A 28 -28.71 6.95 12.69
N GLY A 29 -28.41 5.99 13.56
CA GLY A 29 -29.31 4.85 13.76
C GLY A 29 -28.95 3.58 13.04
N PHE A 30 -27.75 3.50 12.48
CA PHE A 30 -27.33 2.32 11.74
C PHE A 30 -26.41 1.54 12.64
N ASN A 31 -26.30 0.24 12.40
CA ASN A 31 -25.33 -0.54 13.15
C ASN A 31 -24.19 -1.02 12.28
N THR A 32 -23.12 -1.43 12.93
CA THR A 32 -21.87 -1.80 12.26
C THR A 32 -21.39 -3.15 12.78
N VAL A 33 -20.76 -3.91 11.89
CA VAL A 33 -20.24 -5.24 12.14
C VAL A 33 -18.84 -5.33 11.58
N VAL A 34 -17.88 -5.77 12.39
CA VAL A 34 -16.48 -5.82 11.93
C VAL A 34 -16.24 -7.19 11.30
N ILE A 35 -15.83 -7.20 10.04
CA ILE A 35 -15.48 -8.43 9.33
C ILE A 35 -13.98 -8.54 9.21
N GLY A 36 -13.39 -9.65 9.65
CA GLY A 36 -11.93 -9.82 9.57
C GLY A 36 -11.60 -11.31 9.49
N ASP A 37 -10.33 -11.66 9.66
CA ASP A 37 -9.88 -13.01 9.32
C ASP A 37 -10.59 -14.08 10.14
N THR A 38 -10.78 -13.81 11.43
CA THR A 38 -11.33 -14.79 12.35
C THR A 38 -12.34 -14.07 13.27
N ALA A 39 -13.54 -14.62 13.42
CA ALA A 39 -14.44 -14.08 14.45
C ALA A 39 -13.78 -14.14 15.83
N ASN A 40 -14.03 -13.09 16.61
CA ASN A 40 -13.55 -13.00 17.98
C ASN A 40 -12.05 -12.85 18.17
N SER A 41 -11.32 -12.67 17.07
CA SER A 41 -9.94 -12.25 17.15
C SER A 41 -9.89 -10.74 17.36
N GLU A 42 -8.73 -10.24 17.74
CA GLU A 42 -8.58 -8.82 18.02
C GLU A 42 -7.62 -8.23 16.98
N VAL A 43 -8.00 -7.09 16.41
CA VAL A 43 -7.07 -6.31 15.58
C VAL A 43 -6.74 -4.99 16.23
N VAL A 44 -5.53 -4.49 16.00
CA VAL A 44 -5.05 -3.37 16.79
C VAL A 44 -4.67 -2.27 15.81
N GLY A 45 -5.16 -1.06 16.08
CA GLY A 45 -4.88 0.07 15.17
C GLY A 45 -3.45 0.58 15.29
N LYS A 46 -3.07 1.41 14.31
CA LYS A 46 -1.78 2.09 14.36
C LYS A 46 -1.49 2.72 15.71
N HIS A 47 -2.51 3.25 16.36
CA HIS A 47 -2.31 4.01 17.61
C HIS A 47 -2.88 3.27 18.78
N GLY A 48 -3.09 1.98 18.62
CA GLY A 48 -3.28 1.08 19.75
C GLY A 48 -4.72 0.68 20.03
N GLU A 49 -5.68 1.26 19.30
CA GLU A 49 -7.07 0.91 19.55
C GLU A 49 -7.33 -0.56 19.24
N LYS A 50 -7.96 -1.24 20.19
CA LYS A 50 -8.24 -2.66 20.04
C LYS A 50 -9.68 -2.89 19.63
N VAL A 51 -9.87 -3.64 18.56
CA VAL A 51 -11.21 -3.89 18.04
C VAL A 51 -11.40 -5.39 17.88
N THR A 52 -12.54 -5.90 18.35
CA THR A 52 -12.82 -7.33 18.24
C THR A 52 -13.55 -7.59 16.94
N VAL A 53 -13.06 -8.55 16.17
CA VAL A 53 -13.73 -8.99 14.94
C VAL A 53 -15.05 -9.73 15.21
N ASP A 54 -16.13 -9.30 14.57
CA ASP A 54 -17.46 -9.89 14.85
C ASP A 54 -17.65 -11.18 14.04
N VAL A 55 -17.37 -11.09 12.73
CA VAL A 55 -17.66 -12.15 11.76
C VAL A 55 -16.39 -12.43 10.94
N GLY A 56 -16.08 -13.71 10.73
CA GLY A 56 -14.94 -14.10 9.90
C GLY A 56 -15.28 -13.94 8.45
N ILE A 57 -14.29 -13.58 7.64
CA ILE A 57 -14.48 -13.37 6.21
C ILE A 57 -14.97 -14.65 5.50
N ALA A 58 -14.64 -15.83 6.02
CA ALA A 58 -15.13 -17.06 5.41
C ALA A 58 -16.65 -17.24 5.54
N GLU A 59 -17.21 -16.74 6.65
CA GLU A 59 -18.63 -16.94 6.95
C GLU A 59 -19.51 -15.79 6.44
N ALA A 60 -18.89 -14.64 6.22
CA ALA A 60 -19.68 -13.42 6.00
C ALA A 60 -20.47 -13.57 4.70
N LYS A 61 -21.72 -13.12 4.73
CA LYS A 61 -22.54 -13.07 3.51
C LYS A 61 -22.72 -11.60 3.14
N PRO A 62 -22.21 -11.22 1.96
CA PRO A 62 -22.22 -9.77 1.76
C PRO A 62 -23.64 -9.22 1.62
N GLU A 63 -24.56 -10.06 1.14
CA GLU A 63 -25.92 -9.61 0.93
C GLU A 63 -26.61 -9.23 2.23
N ASP A 64 -26.04 -9.65 3.36
CA ASP A 64 -26.58 -9.29 4.68
C ASP A 64 -26.40 -7.79 5.01
N TYR A 65 -25.49 -7.12 4.31
CA TYR A 65 -25.08 -5.78 4.71
C TYR A 65 -25.61 -4.74 3.76
N ASP A 66 -25.97 -3.58 4.32
CA ASP A 66 -26.52 -2.48 3.52
C ASP A 66 -25.45 -1.53 2.98
N ALA A 67 -24.22 -1.67 3.47
CA ALA A 67 -23.09 -0.86 3.01
C ALA A 67 -21.80 -1.52 3.47
N LEU A 68 -20.71 -1.14 2.81
CA LEU A 68 -19.37 -1.58 3.17
C LEU A 68 -18.57 -0.35 3.53
N LEU A 69 -17.80 -0.45 4.61
CA LEU A 69 -16.89 0.62 5.04
C LEU A 69 -15.47 0.04 5.12
N ILE A 70 -14.54 0.74 4.47
CA ILE A 70 -13.14 0.32 4.46
C ILE A 70 -12.27 1.41 5.08
N PRO A 71 -11.92 1.28 6.37
CA PRO A 71 -10.98 2.23 7.00
C PRO A 71 -9.59 2.08 6.41
N GLY A 72 -8.79 3.14 6.54
CA GLY A 72 -7.45 3.18 5.93
C GLY A 72 -6.38 2.84 6.96
N GLY A 73 -5.26 3.52 6.85
CA GLY A 73 -4.05 2.99 7.48
C GLY A 73 -3.44 1.87 6.64
N PHE A 74 -2.81 0.92 7.32
CA PHE A 74 -2.19 -0.20 6.62
C PHE A 74 -3.09 -1.45 6.68
N SER A 75 -4.29 -1.28 7.23
CA SER A 75 -5.27 -2.37 7.22
C SER A 75 -5.62 -2.86 5.79
N PRO A 76 -5.88 -1.92 4.86
CA PRO A 76 -6.19 -2.46 3.51
C PRO A 76 -5.05 -3.26 2.84
N ASP A 77 -3.81 -2.82 3.03
CA ASP A 77 -2.66 -3.57 2.52
C ASP A 77 -2.60 -4.98 3.14
N HIS A 78 -2.86 -5.08 4.45
CA HIS A 78 -2.94 -6.41 5.06
C HIS A 78 -4.04 -7.28 4.48
N LEU A 79 -5.24 -6.70 4.32
CA LEU A 79 -6.36 -7.46 3.74
C LEU A 79 -5.99 -7.98 2.35
N ARG A 80 -5.22 -7.18 1.61
CA ARG A 80 -4.79 -7.59 0.27
C ARG A 80 -3.74 -8.69 0.27
N GLY A 81 -3.24 -9.05 1.45
CA GLY A 81 -2.34 -10.19 1.56
C GLY A 81 -3.06 -11.50 1.74
N ASP A 82 -4.39 -11.47 1.78
CA ASP A 82 -5.17 -12.72 1.90
C ASP A 82 -4.87 -13.63 0.71
N THR A 83 -4.39 -14.85 0.94
CA THR A 83 -3.92 -15.66 -0.19
C THR A 83 -5.05 -15.95 -1.18
N GLU A 84 -6.28 -16.08 -0.67
CA GLU A 84 -7.40 -16.39 -1.54
C GLU A 84 -8.13 -15.13 -2.05
N GLY A 85 -7.64 -13.96 -1.66
CA GLY A 85 -8.20 -12.70 -2.13
C GLY A 85 -9.61 -12.43 -1.65
N ARG A 86 -9.93 -12.93 -0.46
CA ARG A 86 -11.32 -12.96 -0.01
C ARG A 86 -11.94 -11.59 0.22
N TYR A 87 -11.12 -10.59 0.57
CA TYR A 87 -11.68 -9.27 0.82
C TYR A 87 -12.00 -8.52 -0.45
N GLY A 88 -11.21 -8.74 -1.50
CA GLY A 88 -11.56 -8.20 -2.80
C GLY A 88 -12.85 -8.83 -3.31
N THR A 89 -12.99 -10.14 -3.09
CA THR A 89 -14.20 -10.83 -3.53
C THR A 89 -15.40 -10.29 -2.80
N PHE A 90 -15.26 -10.12 -1.49
CA PHE A 90 -16.35 -9.55 -0.68
C PHE A 90 -16.76 -8.17 -1.22
N ALA A 91 -15.76 -7.32 -1.45
CA ALA A 91 -16.02 -5.97 -1.91
C ALA A 91 -16.69 -6.01 -3.27
N LYS A 92 -16.30 -6.97 -4.13
CA LYS A 92 -16.93 -7.09 -5.45
C LYS A 92 -18.48 -7.19 -5.40
N TYR A 93 -19.05 -7.80 -4.35
CA TYR A 93 -20.51 -7.81 -4.24
C TYR A 93 -21.05 -6.37 -4.24
N PHE A 94 -20.41 -5.52 -3.45
CA PHE A 94 -20.86 -4.13 -3.32
C PHE A 94 -20.70 -3.31 -4.59
N THR A 95 -19.59 -3.48 -5.29
CA THR A 95 -19.38 -2.71 -6.51
C THR A 95 -20.24 -3.28 -7.64
N LYS A 96 -20.42 -4.59 -7.68
CA LYS A 96 -21.23 -5.17 -8.78
C LYS A 96 -22.71 -4.83 -8.64
N ASN A 97 -23.20 -4.77 -7.40
CA ASN A 97 -24.62 -4.53 -7.14
C ASN A 97 -24.99 -3.09 -6.75
N ASP A 98 -24.01 -2.20 -6.87
CA ASP A 98 -24.23 -0.77 -6.56
C ASP A 98 -24.73 -0.55 -5.16
N VAL A 99 -24.13 -1.24 -4.20
CA VAL A 99 -24.50 -1.09 -2.80
C VAL A 99 -23.57 -0.03 -2.24
N PRO A 100 -24.05 0.79 -1.31
CA PRO A 100 -23.21 1.87 -0.81
C PRO A 100 -21.86 1.36 -0.32
N THR A 101 -20.80 2.03 -0.73
CA THR A 101 -19.43 1.54 -0.52
C THR A 101 -18.63 2.76 -0.08
N PHE A 102 -18.05 2.69 1.10
CA PHE A 102 -17.41 3.86 1.72
C PHE A 102 -15.96 3.52 1.97
N ALA A 103 -15.02 4.32 1.46
CA ALA A 103 -13.62 3.99 1.72
C ALA A 103 -12.80 5.24 1.92
N ILE A 104 -11.97 5.27 2.96
CA ILE A 104 -11.18 6.48 3.22
C ILE A 104 -9.68 6.16 3.26
N HIS A 106 -6.25 4.86 2.55
CA HIS A 106 -5.84 3.68 1.81
C HIS A 106 -6.98 2.74 1.49
N GLY A 107 -8.12 2.95 2.14
CA GLY A 107 -9.29 2.08 1.94
C GLY A 107 -9.58 1.72 0.48
N PRO A 108 -9.46 2.70 -0.43
CA PRO A 108 -9.77 2.37 -1.83
C PRO A 108 -8.83 1.34 -2.48
N GLN A 109 -7.72 1.01 -1.82
CA GLN A 109 -6.87 -0.12 -2.27
C GLN A 109 -7.64 -1.40 -2.45
N ILE A 110 -8.59 -1.69 -1.55
CA ILE A 110 -9.32 -2.93 -1.70
C ILE A 110 -10.22 -2.86 -2.92
N LEU A 111 -10.73 -1.67 -3.23
CA LEU A 111 -11.59 -1.53 -4.41
C LEU A 111 -10.86 -1.87 -5.72
N ILE A 112 -9.54 -1.69 -5.74
CA ILE A 112 -8.77 -2.08 -6.94
C ILE A 112 -8.97 -3.58 -7.23
N ASP A 113 -9.08 -4.38 -6.16
CA ASP A 113 -9.13 -5.81 -6.30
C ASP A 113 -10.50 -6.32 -6.80
N THR A 114 -11.47 -5.41 -6.93
CA THR A 114 -12.77 -5.78 -7.52
C THR A 114 -12.69 -5.84 -9.04
N ASP A 115 -11.70 -5.16 -9.60
CA ASP A 115 -11.61 -4.97 -11.05
C ASP A 115 -12.80 -4.19 -11.60
N ASP A 116 -13.48 -3.45 -10.73
CA ASP A 116 -14.72 -2.75 -11.13
C ASP A 116 -14.53 -1.24 -11.19
N LEU A 117 -13.29 -0.75 -11.23
CA LEU A 117 -13.07 0.70 -11.07
C LEU A 117 -13.03 1.46 -12.39
N LYS A 118 -12.95 0.77 -13.52
CA LYS A 118 -12.74 1.49 -14.76
C LYS A 118 -13.89 2.48 -15.00
N GLY A 119 -13.55 3.77 -15.04
CA GLY A 119 -14.54 4.79 -15.33
C GLY A 119 -15.22 5.34 -14.09
N ARG A 120 -14.89 4.78 -12.93
CA ARG A 120 -15.44 5.32 -11.69
C ARG A 120 -14.61 6.49 -11.19
N THR A 121 -15.23 7.38 -10.42
CA THR A 121 -14.53 8.57 -9.96
C THR A 121 -14.32 8.50 -8.45
N LEU A 122 -13.06 8.57 -8.04
CA LEU A 122 -12.70 8.33 -6.64
C LEU A 122 -11.61 9.31 -6.25
N THR A 123 -11.47 9.51 -4.95
CA THR A 123 -10.25 10.06 -4.38
C THR A 123 -9.62 9.07 -3.41
N ALA A 124 -8.45 9.40 -2.87
CA ALA A 124 -7.78 8.57 -1.89
C ALA A 124 -6.61 9.34 -1.33
N VAL A 125 -5.93 8.75 -0.35
CA VAL A 125 -4.66 9.28 0.08
C VAL A 125 -3.66 9.35 -1.07
N LEU A 126 -2.83 10.38 -1.07
CA LEU A 126 -1.86 10.59 -2.15
C LEU A 126 -1.15 9.28 -2.51
N ASN A 127 -0.78 8.52 -1.47
CA ASN A 127 0.12 7.36 -1.62
C ASN A 127 -0.44 6.34 -2.62
N VAL A 128 -1.76 6.30 -2.75
CA VAL A 128 -2.39 5.25 -3.55
C VAL A 128 -3.04 5.75 -4.86
N ARG A 129 -3.03 7.06 -5.09
CA ARG A 129 -3.73 7.62 -6.23
C ARG A 129 -3.27 7.07 -7.58
N LYS A 130 -1.97 6.87 -7.75
CA LYS A 130 -1.45 6.30 -8.99
C LYS A 130 -1.95 4.86 -9.22
N ASP A 131 -2.05 4.10 -8.13
CA ASP A 131 -2.54 2.74 -8.27
C ASP A 131 -4.00 2.75 -8.64
N LEU A 132 -4.78 3.67 -8.06
CA LEU A 132 -6.18 3.79 -8.46
C LEU A 132 -6.31 4.17 -9.91
N SER A 133 -5.48 5.11 -10.35
CA SER A 133 -5.54 5.51 -11.74
C SER A 133 -5.15 4.35 -12.67
N ASN A 134 -4.16 3.54 -12.27
CA ASN A 134 -3.78 2.39 -13.10
C ASN A 134 -4.84 1.30 -13.15
N ALA A 135 -5.71 1.29 -12.12
CA ALA A 135 -6.88 0.42 -12.08
C ALA A 135 -8.04 0.92 -12.94
N GLY A 136 -7.87 2.08 -13.55
CA GLY A 136 -8.89 2.58 -14.49
C GLY A 136 -9.75 3.70 -13.95
N ALA A 137 -9.57 4.07 -12.69
CA ALA A 137 -10.44 5.07 -12.08
C ALA A 137 -10.07 6.46 -12.61
N HIS A 138 -11.06 7.35 -12.61
CA HIS A 138 -10.80 8.78 -12.67
C HIS A 138 -10.54 9.33 -11.31
N VAL A 139 -9.27 9.61 -11.03
CA VAL A 139 -8.85 10.01 -9.72
C VAL A 139 -8.78 11.53 -9.57
N VAL A 140 -9.47 12.00 -8.55
CA VAL A 140 -9.44 13.42 -8.20
C VAL A 140 -8.92 13.63 -6.78
N ASP A 141 -8.67 14.91 -6.46
CA ASP A 141 -8.11 15.30 -5.15
C ASP A 141 -9.11 16.21 -4.44
N GLU A 142 -10.05 15.60 -3.74
CA GLU A 142 -11.16 16.34 -3.09
C GLU A 142 -11.43 15.75 -1.72
N SER A 143 -12.01 16.54 -0.81
CA SER A 143 -12.21 16.03 0.54
C SER A 143 -13.20 14.88 0.59
N VAL A 144 -14.20 14.89 -0.27
CA VAL A 144 -15.10 13.76 -0.42
C VAL A 144 -15.64 13.72 -1.82
N VAL A 145 -15.72 12.50 -2.37
CA VAL A 145 -16.16 12.27 -3.74
C VAL A 145 -17.25 11.21 -3.71
N VAL A 146 -18.40 11.56 -4.29
CA VAL A 146 -19.53 10.62 -4.40
C VAL A 146 -19.72 10.24 -5.87
N ASP A 147 -19.56 8.96 -6.18
CA ASP A 147 -19.86 8.47 -7.54
C ASP A 147 -20.92 7.38 -7.43
N ASN A 148 -22.18 7.81 -7.56
CA ASN A 148 -23.36 6.97 -7.31
C ASN A 148 -23.33 6.41 -5.89
N ASN A 149 -22.91 5.16 -5.78
CA ASN A 149 -22.86 4.47 -4.50
C ASN A 149 -21.51 4.54 -3.80
N ILE A 150 -20.46 4.95 -4.52
CA ILE A 150 -19.10 4.94 -3.95
C ILE A 150 -18.73 6.29 -3.33
N VAL A 151 -18.39 6.29 -2.04
CA VAL A 151 -18.00 7.52 -1.35
C VAL A 151 -16.58 7.35 -0.88
N THR A 152 -15.70 8.27 -1.29
CA THR A 152 -14.29 8.18 -0.92
C THR A 152 -13.78 9.50 -0.34
N SER A 153 -12.82 9.41 0.57
CA SER A 153 -12.14 10.56 1.14
C SER A 153 -10.64 10.25 1.24
N ARG A 154 -9.85 11.24 1.64
CA ARG A 154 -8.38 11.11 1.55
C ARG A 154 -7.70 10.81 2.88
N VAL A 155 -8.05 11.60 3.90
CA VAL A 155 -7.23 11.69 5.11
C VAL A 155 -8.19 11.90 6.27
N PRO A 156 -7.69 11.77 7.51
CA PRO A 156 -8.56 11.95 8.66
C PRO A 156 -9.20 13.34 8.76
N ASP A 157 -8.51 14.37 8.27
CA ASP A 157 -9.13 15.72 8.25
C ASP A 157 -10.39 15.82 7.40
N ASP A 158 -10.60 14.84 6.53
CA ASP A 158 -11.77 14.82 5.67
C ASP A 158 -12.97 14.17 6.36
N LEU A 159 -12.77 13.64 7.57
CA LEU A 159 -13.83 12.81 8.18
C LEU A 159 -15.19 13.50 8.31
N ASP A 160 -15.23 14.80 8.61
CA ASP A 160 -16.54 15.44 8.76
C ASP A 160 -17.31 15.39 7.46
N ASP A 161 -16.61 15.62 6.33
CA ASP A 161 -17.25 15.53 5.01
C ASP A 161 -17.62 14.09 4.63
N PHE A 162 -16.71 13.17 4.93
CA PHE A 162 -16.92 11.75 4.67
C PHE A 162 -18.13 11.27 5.48
N ASN A 163 -18.16 11.56 6.78
CA ASN A 163 -19.25 11.06 7.63
C ASN A 163 -20.63 11.59 7.24
N ARG A 164 -20.65 12.83 6.76
CA ARG A 164 -21.91 13.42 6.32
C ARG A 164 -22.39 12.64 5.09
N GLU A 165 -21.48 12.36 4.17
CA GLU A 165 -21.94 11.74 2.93
C GLU A 165 -22.30 10.27 3.12
N ILE A 166 -21.58 9.54 3.98
CA ILE A 166 -21.89 8.11 4.07
C ILE A 166 -23.26 7.91 4.74
N VAL A 167 -23.57 8.76 5.70
CA VAL A 167 -24.85 8.65 6.34
C VAL A 167 -25.97 8.98 5.35
N LYS A 168 -25.77 10.01 4.53
CA LYS A 168 -26.79 10.35 3.52
C LYS A 168 -27.03 9.21 2.59
N GLN A 169 -25.94 8.62 2.10
CA GLN A 169 -26.11 7.54 1.18
CA GLN A 169 -25.94 7.41 1.23
C GLN A 169 -26.87 6.32 1.77
N LEU A 170 -26.76 6.05 3.06
CA LEU A 170 -27.59 5.00 3.67
C LEU A 170 -29.05 5.37 3.90
N GLN A 171 -29.34 6.67 4.00
CA GLN A 171 -30.73 7.06 4.12
C GLN A 171 -31.53 6.75 2.87
N LEU A 172 -30.89 6.81 1.70
CA LEU A 172 -31.38 6.06 0.55
C LEU A 172 -31.13 4.55 0.74
N LYS B 4 28.75 2.66 -5.50
CA LYS B 4 27.88 3.05 -4.34
C LYS B 4 26.36 2.95 -4.58
N VAL B 5 25.66 2.38 -3.60
CA VAL B 5 24.28 1.98 -3.81
C VAL B 5 23.42 2.89 -2.94
N ALA B 6 22.47 3.57 -3.58
CA ALA B 6 21.47 4.37 -2.87
C ALA B 6 20.46 3.42 -2.24
N ILE B 7 20.12 3.66 -0.98
CA ILE B 7 19.01 2.96 -0.32
C ILE B 7 17.95 3.99 0.07
N ILE B 8 16.77 3.94 -0.54
CA ILE B 8 15.71 4.86 -0.17
C ILE B 8 14.84 4.29 0.96
N LEU B 9 14.71 5.06 2.02
CA LEU B 9 14.27 4.48 3.28
C LEU B 9 13.42 5.48 4.07
N ALA B 10 12.26 5.00 4.51
CA ALA B 10 11.37 5.71 5.43
C ALA B 10 11.11 4.84 6.65
N ASN B 11 10.35 5.36 7.62
CA ASN B 11 10.00 4.56 8.79
C ASN B 11 9.22 3.30 8.40
N GLU B 12 9.30 2.30 9.27
CA GLU B 12 8.55 1.05 9.13
C GLU B 12 8.99 0.23 7.94
N PHE B 13 10.23 0.41 7.51
CA PHE B 13 10.86 -0.60 6.67
C PHE B 13 10.94 -1.93 7.40
N GLU B 14 10.87 -3.02 6.63
CA GLU B 14 11.13 -4.35 7.18
C GLU B 14 12.61 -4.52 7.51
N ASP B 15 12.93 -4.63 8.79
CA ASP B 15 14.32 -4.48 9.27
C ASP B 15 15.32 -5.29 8.44
N ILE B 16 15.04 -6.57 8.27
CA ILE B 16 16.02 -7.49 7.66
C ILE B 16 16.20 -7.21 6.16
N GLU B 17 15.19 -6.60 5.54
CA GLU B 17 15.32 -6.21 4.12
C GLU B 17 16.18 -4.96 3.91
N TYR B 18 16.51 -4.27 5.00
CA TYR B 18 17.56 -3.25 4.94
C TYR B 18 18.92 -3.88 5.24
N SER B 19 19.00 -4.56 6.38
CA SER B 19 20.32 -4.94 6.94
C SER B 19 20.97 -6.04 6.12
N SER B 20 20.16 -6.96 5.60
CA SER B 20 20.71 -8.13 4.93
C SER B 20 21.28 -7.85 3.54
N PRO B 21 20.55 -7.09 2.70
CA PRO B 21 21.17 -6.68 1.43
C PRO B 21 22.30 -5.68 1.63
N LYS B 22 22.19 -4.82 2.64
CA LYS B 22 23.30 -3.91 2.92
C LYS B 22 24.57 -4.68 3.25
N GLU B 23 24.43 -5.72 4.05
CA GLU B 23 25.61 -6.50 4.45
C GLU B 23 26.16 -7.31 3.27
N ALA B 24 25.26 -7.91 2.48
CA ALA B 24 25.70 -8.62 1.28
C ALA B 24 26.48 -7.72 0.33
N LEU B 25 25.95 -6.53 0.08
CA LEU B 25 26.64 -5.56 -0.77
C LEU B 25 27.98 -5.18 -0.13
N GLU B 26 27.95 -4.77 1.12
CA GLU B 26 29.20 -4.35 1.76
C GLU B 26 30.25 -5.46 1.80
N ASN B 27 29.81 -6.69 2.01
CA ASN B 27 30.73 -7.84 1.94
C ASN B 27 31.38 -7.99 0.57
N ALA B 28 30.66 -7.62 -0.49
CA ALA B 28 31.18 -7.78 -1.84
C ALA B 28 32.01 -6.57 -2.23
N GLY B 29 32.22 -5.70 -1.25
CA GLY B 29 33.02 -4.50 -1.41
C GLY B 29 32.32 -3.29 -1.99
N PHE B 30 30.99 -3.23 -1.89
CA PHE B 30 30.26 -2.05 -2.37
C PHE B 30 29.77 -1.19 -1.19
N ASN B 31 29.59 0.10 -1.43
CA ASN B 31 29.19 0.97 -0.33
C ASN B 31 27.75 1.43 -0.48
N THR B 32 27.10 1.69 0.65
CA THR B 32 25.70 2.10 0.64
C THR B 32 25.49 3.45 1.31
N VAL B 33 24.46 4.16 0.86
CA VAL B 33 24.16 5.51 1.35
C VAL B 33 22.64 5.57 1.51
N VAL B 34 22.18 5.85 2.72
CA VAL B 34 20.74 5.90 2.99
C VAL B 34 20.21 7.27 2.62
N ILE B 35 19.21 7.28 1.75
CA ILE B 35 18.60 8.50 1.26
C ILE B 35 17.19 8.59 1.83
N GLY B 36 16.87 9.71 2.46
CA GLY B 36 15.62 9.86 3.23
C GLY B 36 15.20 11.31 3.33
N ASP B 37 14.15 11.56 4.13
CA ASP B 37 13.54 12.87 4.11
C ASP B 37 14.54 13.95 4.50
N THR B 38 15.28 13.70 5.56
CA THR B 38 16.23 14.70 6.05
C THR B 38 17.52 14.06 6.54
N ALA B 39 18.65 14.62 6.12
CA ALA B 39 19.94 14.09 6.49
C ALA B 39 20.14 14.08 8.00
N ASN B 40 20.76 13.00 8.49
CA ASN B 40 21.04 12.83 9.90
C ASN B 40 19.86 12.66 10.83
N SER B 41 18.68 12.41 10.27
CA SER B 41 17.56 11.89 11.04
C SER B 41 17.63 10.35 11.16
N GLU B 42 16.81 9.80 12.05
CA GLU B 42 16.74 8.34 12.21
C GLU B 42 15.38 7.92 11.70
N VAL B 43 15.38 6.86 10.91
CA VAL B 43 14.12 6.13 10.64
C VAL B 43 14.18 4.79 11.34
N VAL B 44 13.01 4.26 11.71
CA VAL B 44 12.97 3.12 12.60
C VAL B 44 12.17 2.00 11.94
N GLY B 45 12.71 0.79 11.95
CA GLY B 45 12.06 -0.33 11.26
C GLY B 45 10.83 -0.80 12.00
N LYS B 46 10.04 -1.67 11.37
CA LYS B 46 8.91 -2.33 12.05
C LYS B 46 9.29 -3.03 13.34
N HIS B 47 10.54 -3.50 13.43
CA HIS B 47 11.00 -4.29 14.56
C HIS B 47 12.04 -3.53 15.35
N GLY B 48 12.12 -2.23 15.09
CA GLY B 48 12.82 -1.33 15.99
C GLY B 48 14.22 -0.95 15.54
N GLU B 49 14.72 -1.54 14.46
CA GLU B 49 16.06 -1.16 13.99
C GLU B 49 16.13 0.32 13.66
N LYS B 50 17.12 1.01 14.21
CA LYS B 50 17.33 2.42 13.94
C LYS B 50 18.34 2.57 12.82
N VAL B 51 17.99 3.34 11.80
CA VAL B 51 18.92 3.64 10.70
C VAL B 51 19.08 5.13 10.49
N THR B 52 20.33 5.58 10.44
CA THR B 52 20.59 7.00 10.21
C THR B 52 20.55 7.35 8.72
N VAL B 53 19.79 8.39 8.37
CA VAL B 53 19.75 8.90 7.01
C VAL B 53 21.01 9.68 6.63
N ASP B 54 21.70 9.27 5.57
CA ASP B 54 22.96 9.93 5.17
C ASP B 54 22.73 11.22 4.41
N VAL B 55 21.80 11.19 3.48
CA VAL B 55 21.60 12.29 2.53
C VAL B 55 20.10 12.55 2.41
N GLY B 56 19.69 13.81 2.47
CA GLY B 56 18.29 14.15 2.29
C GLY B 56 17.87 14.06 0.84
N ILE B 57 16.64 13.62 0.61
CA ILE B 57 16.12 13.48 -0.75
C ILE B 57 16.15 14.78 -1.56
N ALA B 58 16.09 15.93 -0.89
CA ALA B 58 16.22 17.21 -1.59
C ALA B 58 17.58 17.36 -2.28
N GLU B 59 18.64 16.88 -1.65
CA GLU B 59 20.00 17.11 -2.15
C GLU B 59 20.51 15.97 -3.00
N ALA B 60 19.84 14.82 -2.94
CA ALA B 60 20.37 13.59 -3.53
C ALA B 60 20.40 13.67 -5.07
N LYS B 61 21.48 13.20 -5.66
CA LYS B 61 21.60 13.24 -7.11
C LYS B 61 21.71 11.81 -7.61
N PRO B 62 20.69 11.34 -8.33
CA PRO B 62 20.66 9.90 -8.59
C PRO B 62 21.87 9.44 -9.41
N GLU B 63 22.45 10.34 -10.20
CA GLU B 63 23.61 9.98 -11.02
C GLU B 63 24.85 9.65 -10.20
N ASP B 64 24.90 10.13 -8.96
CA ASP B 64 25.95 9.77 -8.01
C ASP B 64 26.07 8.27 -7.75
N TYR B 65 25.04 7.51 -8.08
CA TYR B 65 24.93 6.16 -7.52
C TYR B 65 25.00 5.10 -8.61
N ASP B 66 25.59 3.97 -8.26
CA ASP B 66 25.68 2.83 -9.17
C ASP B 66 24.47 1.90 -9.17
N ALA B 67 23.63 1.98 -8.14
CA ALA B 67 22.42 1.18 -8.08
C ALA B 67 21.42 1.87 -7.16
N LEU B 68 20.21 1.35 -7.16
CA LEU B 68 19.18 1.77 -6.20
C LEU B 68 18.64 0.52 -5.53
N LEU B 69 18.57 0.57 -4.20
CA LEU B 69 17.96 -0.50 -3.38
C LEU B 69 16.74 0.04 -2.65
N ILE B 70 15.63 -0.69 -2.74
CA ILE B 70 14.37 -0.31 -2.07
C ILE B 70 13.94 -1.45 -1.16
N PRO B 71 14.21 -1.34 0.16
CA PRO B 71 13.68 -2.31 1.10
C PRO B 71 12.16 -2.21 1.23
N GLY B 72 11.54 -3.29 1.71
CA GLY B 72 10.09 -3.33 1.83
C GLY B 72 9.59 -2.97 3.23
N GLY B 73 8.56 -3.67 3.66
CA GLY B 73 7.76 -3.16 4.77
C GLY B 73 6.87 -2.04 4.29
N PHE B 74 6.55 -1.11 5.18
CA PHE B 74 5.71 0.03 4.80
C PHE B 74 6.52 1.27 4.49
N SER B 75 7.83 1.10 4.41
CA SER B 75 8.69 2.20 4.00
C SER B 75 8.33 2.71 2.59
N PRO B 76 8.17 1.82 1.58
CA PRO B 76 7.82 2.32 0.26
C PRO B 76 6.50 3.07 0.24
N ASP B 77 5.51 2.59 0.97
CA ASP B 77 4.27 3.37 1.04
C ASP B 77 4.49 4.77 1.63
N HIS B 78 5.24 4.87 2.72
CA HIS B 78 5.57 6.21 3.26
C HIS B 78 6.26 7.08 2.22
N LEU B 79 7.20 6.50 1.48
CA LEU B 79 7.93 7.29 0.49
C LEU B 79 6.99 7.78 -0.61
N ARG B 80 5.97 6.99 -0.93
CA ARG B 80 5.01 7.38 -1.96
C ARG B 80 4.05 8.44 -1.47
N GLY B 81 4.15 8.79 -0.20
CA GLY B 81 3.36 9.88 0.36
C GLY B 81 4.06 11.23 0.26
N ASP B 82 5.30 11.23 -0.20
CA ASP B 82 6.01 12.50 -0.35
C ASP B 82 5.21 13.47 -1.23
N THR B 83 4.93 14.65 -0.69
CA THR B 83 4.04 15.57 -1.37
C THR B 83 4.51 15.85 -2.79
N GLU B 84 5.82 15.98 -2.97
CA GLU B 84 6.40 16.30 -4.28
C GLU B 84 6.65 15.08 -5.17
N GLY B 85 6.43 13.88 -4.64
CA GLY B 85 6.76 12.66 -5.37
C GLY B 85 8.26 12.49 -5.64
N ARG B 86 9.09 12.97 -4.71
CA ARG B 86 10.54 13.03 -4.99
C ARG B 86 11.24 11.67 -5.08
N TYR B 87 10.68 10.64 -4.44
CA TYR B 87 11.34 9.33 -4.47
C TYR B 87 11.00 8.63 -5.79
N GLY B 88 9.78 8.85 -6.30
CA GLY B 88 9.46 8.32 -7.62
C GLY B 88 10.33 8.98 -8.66
N THR B 89 10.59 10.27 -8.47
CA THR B 89 11.39 11.01 -9.44
C THR B 89 12.83 10.53 -9.41
N PHE B 90 13.32 10.26 -8.20
CA PHE B 90 14.65 9.71 -7.99
C PHE B 90 14.77 8.34 -8.67
N ALA B 91 13.76 7.52 -8.49
CA ALA B 91 13.76 6.21 -9.10
C ALA B 91 13.70 6.23 -10.62
N LYS B 92 13.00 7.20 -11.21
CA LYS B 92 12.90 7.29 -12.68
C LYS B 92 14.28 7.30 -13.32
N TYR B 93 15.25 7.96 -12.68
CA TYR B 93 16.61 8.01 -13.26
C TYR B 93 17.11 6.59 -13.49
N PHE B 94 16.82 5.69 -12.56
CA PHE B 94 17.37 4.34 -12.65
C PHE B 94 16.63 3.52 -13.69
N THR B 95 15.31 3.64 -13.73
CA THR B 95 14.56 2.94 -14.76
C THR B 95 14.80 3.49 -16.17
N LYS B 96 14.93 4.81 -16.28
CA LYS B 96 15.10 5.39 -17.60
C LYS B 96 16.46 5.02 -18.16
N ASN B 97 17.50 5.09 -17.33
CA ASN B 97 18.86 4.84 -17.77
C ASN B 97 19.36 3.41 -17.59
N ASP B 98 18.47 2.48 -17.20
CA ASP B 98 18.81 1.05 -17.15
C ASP B 98 19.96 0.79 -16.17
N VAL B 99 19.90 1.47 -15.04
CA VAL B 99 20.85 1.30 -13.95
C VAL B 99 20.31 0.24 -12.99
N PRO B 100 21.18 -0.64 -12.48
CA PRO B 100 20.71 -1.65 -11.54
C PRO B 100 19.74 -1.09 -10.51
N THR B 101 18.65 -1.82 -10.30
CA THR B 101 17.54 -1.38 -9.48
C THR B 101 17.05 -2.60 -8.73
N PHE B 102 17.10 -2.55 -7.40
CA PHE B 102 16.84 -3.74 -6.61
C PHE B 102 15.68 -3.41 -5.68
N ALA B 103 14.65 -4.26 -5.67
CA ALA B 103 13.52 -3.99 -4.79
C ALA B 103 12.91 -5.27 -4.25
N ILE B 104 12.69 -5.32 -2.94
CA ILE B 104 12.16 -6.54 -2.31
C ILE B 104 10.83 -6.28 -1.59
N HIS B 106 7.45 -5.07 -0.59
CA HIS B 106 6.70 -3.90 -1.06
C HIS B 106 7.57 -2.95 -1.82
N GLY B 107 8.87 -3.15 -1.84
CA GLY B 107 9.76 -2.19 -2.52
C GLY B 107 9.34 -1.83 -3.95
N PRO B 108 8.86 -2.81 -4.74
CA PRO B 108 8.46 -2.44 -6.11
C PRO B 108 7.34 -1.39 -6.24
N GLN B 109 6.60 -1.11 -5.17
CA GLN B 109 5.60 -0.03 -5.21
C GLN B 109 6.21 1.30 -5.72
N ILE B 110 7.44 1.60 -5.32
CA ILE B 110 8.05 2.84 -5.73
C ILE B 110 8.30 2.85 -7.23
N LEU B 111 8.56 1.66 -7.79
CA LEU B 111 8.83 1.57 -9.23
C LEU B 111 7.57 1.85 -10.03
N ILE B 112 6.40 1.67 -9.40
CA ILE B 112 5.16 2.02 -10.07
C ILE B 112 5.17 3.52 -10.42
N ASP B 113 5.72 4.32 -9.53
CA ASP B 113 5.66 5.77 -9.71
C ASP B 113 6.61 6.27 -10.78
N THR B 114 7.51 5.41 -11.25
CA THR B 114 8.36 5.78 -12.39
C THR B 114 7.59 5.77 -13.72
N ASP B 115 6.43 5.11 -13.73
CA ASP B 115 5.71 4.84 -14.96
C ASP B 115 6.52 4.10 -16.03
N ASP B 116 7.48 3.27 -15.62
CA ASP B 116 8.41 2.63 -16.56
C ASP B 116 8.35 1.11 -16.43
N LEU B 117 7.25 0.60 -15.87
CA LEU B 117 7.11 -0.84 -15.70
C LEU B 117 6.38 -1.56 -16.82
N LYS B 118 5.87 -0.87 -17.83
CA LYS B 118 5.17 -1.61 -18.88
C LYS B 118 6.05 -2.62 -19.60
N GLY B 119 5.63 -3.89 -19.55
CA GLY B 119 6.33 -4.98 -20.25
C GLY B 119 7.52 -5.55 -19.48
N ARG B 120 7.82 -4.99 -18.31
CA ARG B 120 8.90 -5.50 -17.48
C ARG B 120 8.42 -6.64 -16.60
N THR B 121 9.35 -7.51 -16.24
CA THR B 121 8.99 -8.74 -15.54
C THR B 121 9.55 -8.67 -14.12
N LEU B 122 8.65 -8.79 -13.13
CA LEU B 122 8.95 -8.47 -11.75
C LEU B 122 8.22 -9.51 -10.88
N THR B 123 8.70 -9.72 -9.67
CA THR B 123 7.88 -10.29 -8.60
C THR B 123 7.77 -9.29 -7.45
N ALA B 124 6.95 -9.61 -6.45
CA ALA B 124 6.86 -8.78 -5.24
C ALA B 124 6.06 -9.55 -4.23
N VAL B 125 5.89 -8.97 -3.05
CA VAL B 125 4.97 -9.53 -2.07
C VAL B 125 3.53 -9.58 -2.65
N LEU B 126 2.75 -10.56 -2.23
CA LEU B 126 1.41 -10.78 -2.80
C LEU B 126 0.58 -9.49 -2.78
N ASN B 127 0.73 -8.73 -1.70
CA ASN B 127 -0.16 -7.59 -1.40
C ASN B 127 -0.11 -6.55 -2.52
N VAL B 128 0.99 -6.50 -3.26
CA VAL B 128 1.16 -5.42 -4.24
C VAL B 128 1.18 -5.90 -5.68
N ARG B 129 0.98 -7.20 -5.89
CA ARG B 129 1.05 -7.75 -7.24
C ARG B 129 0.01 -7.20 -8.22
N LYS B 130 -1.22 -7.03 -7.76
CA LYS B 130 -2.25 -6.48 -8.62
C LYS B 130 -1.87 -5.08 -9.10
N ASP B 131 -1.31 -4.28 -8.22
CA ASP B 131 -0.94 -2.91 -8.61
C ASP B 131 0.21 -2.92 -9.61
N LEU B 132 1.12 -3.88 -9.47
CA LEU B 132 2.23 -3.98 -10.44
C LEU B 132 1.68 -4.41 -11.80
N SER B 133 0.72 -5.33 -11.80
CA SER B 133 0.11 -5.77 -13.05
C SER B 133 -0.63 -4.60 -13.71
N ASN B 134 -1.34 -3.81 -12.91
CA ASN B 134 -2.07 -2.68 -13.45
C ASN B 134 -1.14 -1.60 -14.00
N ALA B 135 0.11 -1.59 -13.53
CA ALA B 135 1.15 -0.64 -14.01
C ALA B 135 1.75 -1.17 -15.31
N GLY B 136 1.32 -2.36 -15.73
CA GLY B 136 1.75 -2.92 -17.02
C GLY B 136 2.87 -3.96 -16.89
N ALA B 137 3.28 -4.28 -15.66
CA ALA B 137 4.32 -5.28 -15.47
C ALA B 137 3.79 -6.69 -15.72
N HIS B 138 4.70 -7.59 -16.12
CA HIS B 138 4.43 -9.04 -16.08
CA HIS B 138 4.43 -9.04 -16.08
C HIS B 138 4.84 -9.58 -14.76
N VAL B 139 3.87 -9.90 -13.92
CA VAL B 139 4.17 -10.27 -12.55
C VAL B 139 4.18 -11.76 -12.42
N VAL B 140 5.25 -12.26 -11.82
CA VAL B 140 5.39 -13.69 -11.58
C VAL B 140 5.65 -13.94 -10.11
N ASP B 141 5.59 -15.21 -9.72
CA ASP B 141 5.71 -15.59 -8.32
C ASP B 141 6.97 -16.45 -8.19
N GLU B 142 8.11 -15.81 -7.96
CA GLU B 142 9.37 -16.53 -7.87
C GLU B 142 10.24 -15.89 -6.81
N SER B 143 11.21 -16.64 -6.31
CA SER B 143 12.02 -16.12 -5.18
C SER B 143 12.89 -14.93 -5.60
N VAL B 144 13.41 -14.94 -6.83
CA VAL B 144 14.10 -13.76 -7.37
C VAL B 144 13.83 -13.70 -8.88
N VAL B 145 13.67 -12.48 -9.41
CA VAL B 145 13.43 -12.27 -10.83
C VAL B 145 14.40 -11.20 -11.32
N VAL B 146 15.15 -11.54 -12.35
CA VAL B 146 16.08 -10.58 -12.98
C VAL B 146 15.56 -10.23 -14.37
N ASP B 147 15.23 -8.96 -14.58
CA ASP B 147 14.85 -8.46 -15.90
C ASP B 147 15.81 -7.33 -16.32
N ASN B 148 16.85 -7.71 -17.07
CA ASN B 148 17.98 -6.81 -17.35
C ASN B 148 18.52 -6.21 -16.06
N ASN B 149 18.20 -4.95 -15.79
CA ASN B 149 18.73 -4.21 -14.66
C ASN B 149 17.88 -4.32 -13.38
N ILE B 150 16.66 -4.82 -13.51
CA ILE B 150 15.73 -4.82 -12.35
C ILE B 150 15.73 -6.18 -11.64
N VAL B 151 16.04 -6.18 -10.34
CA VAL B 151 16.04 -7.43 -9.58
C VAL B 151 14.96 -7.30 -8.54
N THR B 152 14.06 -8.27 -8.48
CA THR B 152 13.00 -8.23 -7.44
C THR B 152 12.84 -9.56 -6.73
N SER B 153 12.43 -9.50 -5.46
CA SER B 153 12.07 -10.69 -4.67
C SER B 153 10.82 -10.38 -3.85
N ARG B 154 10.31 -11.38 -3.13
CA ARG B 154 8.97 -11.27 -2.50
C ARG B 154 8.98 -11.02 -1.00
N VAL B 155 9.80 -11.77 -0.26
CA VAL B 155 9.67 -11.86 1.19
C VAL B 155 11.07 -12.15 1.79
N PRO B 156 11.23 -11.95 3.10
CA PRO B 156 12.54 -12.19 3.74
C PRO B 156 13.18 -13.52 3.43
N ASP B 157 12.38 -14.59 3.28
CA ASP B 157 12.97 -15.90 2.98
C ASP B 157 13.72 -15.92 1.67
N ASP B 158 13.41 -14.96 0.80
CA ASP B 158 14.05 -14.93 -0.50
C ASP B 158 15.42 -14.28 -0.48
N LEU B 159 15.84 -13.76 0.66
CA LEU B 159 17.01 -12.88 0.74
C LEU B 159 18.30 -13.50 0.21
N ASP B 160 18.48 -14.81 0.40
CA ASP B 160 19.73 -15.42 -0.12
C ASP B 160 19.79 -15.27 -1.62
N ASP B 161 18.66 -15.54 -2.28
CA ASP B 161 18.57 -15.39 -3.71
C ASP B 161 18.67 -13.94 -4.17
N PHE B 162 17.90 -13.04 -3.54
CA PHE B 162 17.97 -11.61 -3.81
C PHE B 162 19.40 -11.09 -3.74
N ASN B 163 20.09 -11.46 -2.66
CA ASN B 163 21.40 -10.90 -2.38
C ASN B 163 22.40 -11.39 -3.41
N ARG B 164 22.28 -12.67 -3.75
CA ARG B 164 23.11 -13.24 -4.81
C ARG B 164 23.00 -12.43 -6.11
N GLU B 165 21.78 -12.09 -6.52
CA GLU B 165 21.57 -11.43 -7.79
C GLU B 165 21.91 -9.94 -7.78
N ILE B 166 21.73 -9.27 -6.65
CA ILE B 166 22.05 -7.84 -6.63
C ILE B 166 23.55 -7.62 -6.65
N VAL B 167 24.26 -8.51 -5.99
CA VAL B 167 25.73 -8.47 -5.97
C VAL B 167 26.28 -8.78 -7.38
N LYS B 168 25.67 -9.75 -8.03
CA LYS B 168 26.08 -10.13 -9.38
C LYS B 168 25.86 -9.01 -10.41
N GLN B 169 24.78 -8.24 -10.27
CA GLN B 169 24.59 -7.04 -11.08
C GLN B 169 25.72 -6.02 -10.95
N LEU B 170 26.19 -5.79 -9.72
CA LEU B 170 27.17 -4.75 -9.50
C LEU B 170 28.53 -5.21 -9.95
N GLN B 171 28.74 -6.52 -9.91
CA GLN B 171 30.01 -7.07 -10.37
C GLN B 171 30.07 -6.98 -11.88
N LEU B 172 28.92 -7.02 -12.54
CA LEU B 172 28.82 -6.67 -13.96
C LEU B 172 28.47 -5.19 -14.10
#